data_5M51
#
_entry.id   5M51
#
_cell.length_a   56.717
_cell.length_b   73.736
_cell.length_c   75.076
_cell.angle_alpha   90.00
_cell.angle_beta   90.00
_cell.angle_gamma   90.00
#
_symmetry.space_group_name_H-M   'P 21 21 21'
#
loop_
_entity.id
_entity.type
_entity.pdbx_description
1 polymer 'Serine/threonine-protein kinase Nek2'
2 non-polymer 3-[[6-(cyclohexylmethoxy)-9~{H}-purin-2-yl]amino]benzamide
3 water water
#
_entity_poly.entity_id   1
_entity_poly.type   'polypeptide(L)'
_entity_poly.pdbx_seq_one_letter_code
;MPSRAEDYEVLYTIGTGSYGRCQKIRRKSDGKILVWKELDYGSMTEAEKQMLVSEVNLLRELKHPNIVRYYDRIIDRTNT
TLYIVMEYCEGGDLASVITKGTKERQYLDEEFVLRVMTQLTLALKECHRRSDGGHTVLHRDLKPANVFLDGKQNVKLGDF
GLARILNHDTSFAKTFVGTPYYMSPEQMNRMSYNEKSDIWSLGCLLYELCALMPPFTAFSQKELAGKIREGKFRRIPYRY
SDELNEIITRMLNLKDYHRPSVEEILENPLILEHHHHHH
;
_entity_poly.pdbx_strand_id   A
#
loop_
_chem_comp.id
_chem_comp.type
_chem_comp.name
_chem_comp.formula
NU6 non-polymer 3-[[6-(cyclohexylmethoxy)-9~{H}-purin-2-yl]amino]benzamide 'C19 H22 N6 O2'
#
# COMPACT_ATOMS: atom_id res chain seq x y z
N SER A 3 -1.68 16.44 22.01
CA SER A 3 -2.09 17.52 21.10
C SER A 3 -0.90 18.36 20.67
N ARG A 4 0.23 18.20 21.37
CA ARG A 4 1.43 18.96 21.06
C ARG A 4 2.65 18.05 20.84
N ALA A 5 3.69 18.59 20.19
CA ALA A 5 4.92 17.85 19.96
C ALA A 5 5.54 17.39 21.29
N GLU A 6 5.30 18.17 22.34
CA GLU A 6 5.87 17.91 23.65
C GLU A 6 5.46 16.55 24.23
N ASP A 7 4.29 16.06 23.81
CA ASP A 7 3.74 14.82 24.34
C ASP A 7 4.52 13.59 23.87
N TYR A 8 5.42 13.82 22.93
CA TYR A 8 6.19 12.73 22.33
C TYR A 8 7.67 13.06 22.33
N GLU A 9 8.49 12.01 22.46
CA GLU A 9 9.93 12.15 22.36
C GLU A 9 10.41 11.52 21.05
N VAL A 10 11.06 12.30 20.21
CA VAL A 10 11.66 11.72 19.02
C VAL A 10 12.73 10.73 19.48
N LEU A 11 12.65 9.50 19.00
CA LEU A 11 13.66 8.50 19.31
C LEU A 11 14.76 8.60 18.28
N TYR A 12 14.36 8.56 17.01
CA TYR A 12 15.27 8.80 15.90
C TYR A 12 14.49 8.93 14.60
N THR A 13 15.20 9.29 13.54
CA THR A 13 14.59 9.43 12.23
C THR A 13 14.71 8.12 11.43
N ILE A 14 13.56 7.63 10.94
CA ILE A 14 13.53 6.44 10.10
C ILE A 14 13.98 6.78 8.69
N GLY A 15 13.18 7.56 7.98
CA GLY A 15 13.51 8.00 6.64
C GLY A 15 12.55 9.06 6.13
N THR A 16 12.70 9.42 4.86
CA THR A 16 11.89 10.49 4.27
C THR A 16 11.18 10.02 3.00
N GLY A 17 9.86 10.23 2.93
CA GLY A 17 9.08 9.82 1.77
C GLY A 17 8.32 10.94 1.07
N SER A 18 7.10 10.65 0.63
CA SER A 18 6.30 11.55 -0.20
C SER A 18 5.84 12.83 0.49
N TYR A 19 5.05 12.65 1.55
CA TYR A 19 4.52 13.73 2.38
C TYR A 19 5.64 14.50 3.08
N GLY A 20 6.74 13.80 3.35
CA GLY A 20 7.83 14.36 4.13
C GLY A 20 8.53 13.31 4.98
N ARG A 21 9.15 13.76 6.06
CA ARG A 21 9.98 12.92 6.91
C ARG A 21 9.15 12.07 7.87
N CYS A 22 9.68 10.89 8.22
CA CYS A 22 9.03 9.96 9.16
C CYS A 22 9.99 9.59 10.29
N GLN A 23 9.51 9.68 11.53
CA GLN A 23 10.36 9.46 12.69
C GLN A 23 9.71 8.50 13.68
N LYS A 24 10.53 7.65 14.29
CA LYS A 24 10.04 6.75 15.34
C LYS A 24 9.99 7.55 16.64
N ILE A 25 8.92 7.36 17.41
CA ILE A 25 8.66 8.19 18.58
C ILE A 25 8.15 7.41 19.79
N ARG A 26 8.34 7.99 20.96
CA ARG A 26 7.79 7.43 22.20
C ARG A 26 6.70 8.34 22.73
N ARG A 27 5.52 7.77 22.96
CA ARG A 27 4.43 8.50 23.60
C ARG A 27 4.72 8.59 25.10
N LYS A 28 4.83 9.81 25.61
CA LYS A 28 5.23 10.04 27.00
C LYS A 28 4.31 9.35 27.99
N SER A 29 3.01 9.42 27.73
CA SER A 29 2.00 8.90 28.64
C SER A 29 2.23 7.46 29.09
N ASP A 30 2.67 6.60 28.18
CA ASP A 30 2.77 5.19 28.50
C ASP A 30 4.00 4.50 27.92
N GLY A 31 4.78 5.23 27.12
CA GLY A 31 6.00 4.67 26.55
C GLY A 31 5.79 3.93 25.23
N LYS A 32 4.58 4.00 24.69
CA LYS A 32 4.23 3.34 23.43
C LYS A 32 5.09 3.80 22.26
N ILE A 33 5.62 2.85 21.51
CA ILE A 33 6.39 3.16 20.32
C ILE A 33 5.44 3.36 19.13
N LEU A 34 5.64 4.48 18.41
CA LEU A 34 4.82 4.87 17.26
C LEU A 34 5.69 5.53 16.20
N VAL A 35 5.08 6.00 15.11
CA VAL A 35 5.78 6.91 14.20
C VAL A 35 4.95 8.15 13.96
N TRP A 36 5.58 9.21 13.45
CA TRP A 36 4.77 10.28 12.90
C TRP A 36 5.31 10.74 11.55
N LYS A 37 4.40 11.22 10.73
CA LYS A 37 4.70 11.71 9.41
C LYS A 37 4.59 13.22 9.40
N GLU A 38 5.64 13.89 8.95
CA GLU A 38 5.68 15.35 8.96
C GLU A 38 5.16 15.93 7.64
N LEU A 39 4.29 16.91 7.74
CA LEU A 39 3.87 17.66 6.57
C LEU A 39 4.05 19.15 6.85
N ASP A 40 4.94 19.78 6.09
CA ASP A 40 5.14 21.22 6.15
C ASP A 40 4.02 21.92 5.38
N TYR A 41 3.17 22.66 6.08
CA TYR A 41 2.09 23.40 5.41
C TYR A 41 2.45 24.88 5.26
N GLY A 42 3.71 25.22 5.47
CA GLY A 42 4.15 26.61 5.52
C GLY A 42 3.95 27.43 4.27
N SER A 43 3.95 26.77 3.12
CA SER A 43 3.77 27.49 1.86
C SER A 43 2.38 27.32 1.30
N MET A 44 1.50 26.62 2.03
CA MET A 44 0.14 26.40 1.55
C MET A 44 -0.76 27.61 1.77
N THR A 45 -1.73 27.80 0.87
CA THR A 45 -2.74 28.82 1.03
C THR A 45 -3.75 28.28 2.03
N GLU A 46 -4.83 29.00 2.29
CA GLU A 46 -5.90 28.52 3.17
C GLU A 46 -6.84 27.56 2.42
N ALA A 47 -6.94 27.73 1.10
CA ALA A 47 -7.83 26.88 0.31
C ALA A 47 -7.11 25.64 -0.21
N GLU A 48 -5.78 25.72 -0.29
CA GLU A 48 -4.97 24.54 -0.51
C GLU A 48 -5.05 23.66 0.73
N LYS A 49 -5.03 24.31 1.89
CA LYS A 49 -5.14 23.62 3.15
C LYS A 49 -6.48 22.91 3.25
N GLN A 50 -7.56 23.60 2.90
CA GLN A 50 -8.91 23.04 2.95
C GLN A 50 -9.03 21.69 2.25
N MET A 51 -8.31 21.54 1.14
CA MET A 51 -8.25 20.26 0.44
C MET A 51 -7.64 19.18 1.33
N LEU A 52 -6.62 19.57 2.09
CA LEU A 52 -5.87 18.62 2.90
C LEU A 52 -6.64 18.15 4.13
N VAL A 53 -7.40 19.06 4.76
CA VAL A 53 -8.05 18.76 6.03
C VAL A 53 -9.18 17.76 5.87
N SER A 54 -9.83 17.78 4.71
CA SER A 54 -10.94 16.87 4.46
C SER A 54 -10.41 15.46 4.25
N GLU A 55 -9.32 15.37 3.50
CA GLU A 55 -8.70 14.10 3.18
C GLU A 55 -8.16 13.42 4.43
N VAL A 56 -7.40 14.18 5.23
CA VAL A 56 -6.86 13.66 6.50
C VAL A 56 -7.95 13.09 7.40
N ASN A 57 -9.08 13.79 7.48
CA ASN A 57 -10.20 13.34 8.31
C ASN A 57 -10.85 12.05 7.80
N LEU A 58 -10.94 11.92 6.49
CA LEU A 58 -11.57 10.75 5.89
C LEU A 58 -10.75 9.49 6.17
N LEU A 59 -9.45 9.57 5.88
CA LEU A 59 -8.54 8.48 6.13
C LEU A 59 -8.44 8.14 7.62
N ARG A 60 -8.75 9.11 8.47
CA ARG A 60 -8.65 8.94 9.93
C ARG A 60 -9.76 8.03 10.48
N GLU A 61 -10.92 8.06 9.84
CA GLU A 61 -12.02 7.19 10.22
C GLU A 61 -11.79 5.74 9.77
N LEU A 62 -10.89 5.58 8.80
CA LEU A 62 -10.54 4.26 8.27
C LEU A 62 -9.88 3.37 9.30
N LYS A 63 -10.52 2.25 9.62
CA LYS A 63 -10.05 1.37 10.67
C LYS A 63 -10.16 -0.09 10.23
N HIS A 64 -9.07 -0.83 10.37
CA HIS A 64 -9.04 -2.24 9.97
C HIS A 64 -7.72 -2.83 10.43
N PRO A 65 -7.72 -4.11 10.85
CA PRO A 65 -6.48 -4.70 11.36
C PRO A 65 -5.36 -4.81 10.34
N ASN A 66 -5.67 -4.65 9.06
CA ASN A 66 -4.64 -4.66 8.01
C ASN A 66 -4.41 -3.28 7.38
N ILE A 67 -4.83 -2.22 8.10
CA ILE A 67 -4.54 -0.84 7.71
C ILE A 67 -3.75 -0.15 8.84
N VAL A 68 -2.64 0.52 8.51
CA VAL A 68 -1.85 1.20 9.53
C VAL A 68 -2.75 2.10 10.37
N ARG A 69 -2.73 1.90 11.68
CA ARG A 69 -3.67 2.60 12.58
C ARG A 69 -3.31 4.06 12.79
N TYR A 70 -4.29 4.94 12.60
CA TYR A 70 -4.15 6.35 12.94
C TYR A 70 -4.28 6.53 14.45
N TYR A 71 -3.45 7.41 15.01
CA TYR A 71 -3.51 7.69 16.45
C TYR A 71 -3.76 9.15 16.78
N ASP A 72 -3.11 10.08 16.08
CA ASP A 72 -3.15 11.49 16.47
C ASP A 72 -2.66 12.43 15.38
N ARG A 73 -2.99 13.70 15.54
CA ARG A 73 -2.51 14.74 14.63
C ARG A 73 -2.03 15.93 15.45
N ILE A 74 -0.98 16.58 14.98
CA ILE A 74 -0.41 17.70 15.73
C ILE A 74 -0.14 18.88 14.82
N ILE A 75 -0.64 20.05 15.23
CA ILE A 75 -0.30 21.29 14.54
C ILE A 75 0.82 22.01 15.28
N ASP A 76 1.95 22.21 14.61
CA ASP A 76 3.05 22.97 15.21
C ASP A 76 3.25 24.27 14.47
N ARG A 77 2.69 25.34 15.02
CA ARG A 77 2.83 26.67 14.45
C ARG A 77 4.30 27.03 14.24
N THR A 78 5.09 26.88 15.29
CA THR A 78 6.52 27.22 15.23
C THR A 78 7.23 26.57 14.04
N ASN A 79 6.98 25.27 13.85
CA ASN A 79 7.64 24.53 12.76
C ASN A 79 6.83 24.51 11.47
N THR A 80 5.70 25.22 11.48
CA THR A 80 4.66 25.13 10.43
C THR A 80 4.53 23.71 9.88
N THR A 81 4.38 22.77 10.79
CA THR A 81 4.35 21.35 10.46
C THR A 81 3.12 20.70 11.05
N LEU A 82 2.49 19.82 10.27
CA LEU A 82 1.43 18.95 10.76
C LEU A 82 1.98 17.53 10.92
N TYR A 83 1.93 17.01 12.15
CA TYR A 83 2.43 15.67 12.45
C TYR A 83 1.27 14.69 12.52
N ILE A 84 1.33 13.65 11.70
CA ILE A 84 0.33 12.58 11.79
C ILE A 84 0.94 11.36 12.47
N VAL A 85 0.40 11.02 13.63
CA VAL A 85 0.94 9.95 14.47
C VAL A 85 0.25 8.64 14.14
N MET A 86 1.03 7.61 13.87
CA MET A 86 0.46 6.34 13.47
C MET A 86 1.21 5.16 14.04
N GLU A 87 0.57 4.01 13.94
CA GLU A 87 1.16 2.73 14.29
C GLU A 87 2.57 2.55 13.71
N TYR A 88 3.49 2.12 14.56
CA TYR A 88 4.82 1.68 14.16
C TYR A 88 4.74 0.22 13.73
N CYS A 89 5.32 -0.10 12.57
CA CYS A 89 5.23 -1.46 12.03
C CYS A 89 6.59 -2.14 12.09
N GLU A 90 6.75 -2.99 13.09
CA GLU A 90 8.02 -3.58 13.47
C GLU A 90 8.67 -4.38 12.35
N GLY A 91 7.86 -5.02 11.51
CA GLY A 91 8.37 -5.89 10.47
C GLY A 91 8.86 -5.21 9.20
N GLY A 92 8.81 -3.89 9.13
CA GLY A 92 9.29 -3.19 7.94
C GLY A 92 8.29 -3.23 6.78
N ASP A 93 8.77 -3.06 5.55
CA ASP A 93 7.87 -3.09 4.39
C ASP A 93 8.09 -4.30 3.47
N LEU A 94 7.19 -4.49 2.50
CA LEU A 94 7.31 -5.60 1.55
C LEU A 94 8.43 -5.43 0.51
N ALA A 95 8.81 -4.20 0.17
CA ALA A 95 9.86 -4.01 -0.83
C ALA A 95 11.17 -4.62 -0.30
N SER A 96 11.37 -4.55 1.01
CA SER A 96 12.54 -5.13 1.66
C SER A 96 12.49 -6.65 1.63
N VAL A 97 11.29 -7.21 1.81
CA VAL A 97 11.07 -8.65 1.68
C VAL A 97 11.46 -9.12 0.28
N ILE A 98 11.09 -8.36 -0.73
CA ILE A 98 11.38 -8.73 -2.10
C ILE A 98 12.88 -8.62 -2.41
N THR A 99 13.51 -7.53 -1.97
CA THR A 99 14.96 -7.34 -2.04
C THR A 99 15.73 -8.51 -1.43
N LYS A 100 15.28 -8.93 -0.25
CA LYS A 100 15.84 -10.06 0.47
C LYS A 100 15.73 -11.38 -0.29
N GLY A 101 14.58 -11.61 -0.93
CA GLY A 101 14.40 -12.81 -1.74
C GLY A 101 15.40 -12.84 -2.88
N THR A 102 15.60 -11.68 -3.48
CA THR A 102 16.50 -11.59 -4.62
C THR A 102 17.93 -11.87 -4.17
N LYS A 103 18.34 -11.19 -3.11
CA LYS A 103 19.64 -11.40 -2.49
C LYS A 103 19.89 -12.84 -2.07
N GLU A 104 18.90 -13.49 -1.50
CA GLU A 104 19.07 -14.86 -1.03
C GLU A 104 18.86 -15.94 -2.10
N ARG A 105 18.33 -15.55 -3.25
CA ARG A 105 17.88 -16.51 -4.26
C ARG A 105 16.94 -17.54 -3.67
N GLN A 106 15.93 -17.05 -2.96
CA GLN A 106 14.88 -17.90 -2.44
C GLN A 106 13.54 -17.24 -2.76
N TYR A 107 12.70 -17.94 -3.52
CA TYR A 107 11.34 -17.47 -3.77
C TYR A 107 10.52 -17.54 -2.49
N LEU A 108 9.53 -16.66 -2.35
CA LEU A 108 8.64 -16.71 -1.18
C LEU A 108 7.71 -17.91 -1.26
N ASP A 109 7.36 -18.50 -0.11
CA ASP A 109 6.39 -19.59 -0.06
C ASP A 109 5.05 -19.11 -0.60
N GLU A 110 4.34 -19.98 -1.33
CA GLU A 110 2.98 -19.67 -1.78
C GLU A 110 2.07 -19.31 -0.58
N GLU A 111 2.27 -19.95 0.57
CA GLU A 111 1.45 -19.63 1.76
C GLU A 111 1.64 -18.16 2.17
N PHE A 112 2.86 -17.67 2.11
CA PHE A 112 3.09 -16.25 2.43
C PHE A 112 2.42 -15.33 1.42
N VAL A 113 2.54 -15.64 0.12
CA VAL A 113 1.85 -14.85 -0.90
C VAL A 113 0.32 -14.83 -0.73
N LEU A 114 -0.27 -15.98 -0.40
CA LEU A 114 -1.71 -16.05 -0.16
C LEU A 114 -2.14 -15.19 1.06
N ARG A 115 -1.32 -15.19 2.12
CA ARG A 115 -1.59 -14.32 3.28
C ARG A 115 -1.58 -12.84 2.87
N VAL A 116 -0.59 -12.44 2.06
CA VAL A 116 -0.48 -11.05 1.63
C VAL A 116 -1.64 -10.68 0.70
N MET A 117 -1.99 -11.58 -0.23
CA MET A 117 -3.13 -11.33 -1.10
C MET A 117 -4.42 -11.17 -0.28
N THR A 118 -4.63 -12.12 0.62
CA THR A 118 -5.81 -12.09 1.47
C THR A 118 -5.93 -10.78 2.24
N GLN A 119 -4.87 -10.41 2.98
CA GLN A 119 -4.90 -9.25 3.88
C GLN A 119 -4.94 -7.90 3.17
N LEU A 120 -4.23 -7.77 2.05
CA LEU A 120 -4.34 -6.54 1.27
C LEU A 120 -5.74 -6.40 0.69
N THR A 121 -6.36 -7.52 0.31
CA THR A 121 -7.67 -7.46 -0.33
C THR A 121 -8.74 -7.09 0.74
N LEU A 122 -8.53 -7.59 1.94
CA LEU A 122 -9.40 -7.20 3.06
C LEU A 122 -9.26 -5.71 3.34
N ALA A 123 -8.01 -5.23 3.32
CA ALA A 123 -7.77 -3.82 3.59
C ALA A 123 -8.45 -2.99 2.52
N LEU A 124 -8.26 -3.37 1.26
CA LEU A 124 -8.86 -2.62 0.17
C LEU A 124 -10.38 -2.66 0.21
N LYS A 125 -10.95 -3.80 0.58
CA LYS A 125 -12.39 -3.94 0.68
C LYS A 125 -12.98 -2.94 1.69
N GLU A 126 -12.29 -2.73 2.80
CA GLU A 126 -12.76 -1.75 3.78
C GLU A 126 -12.69 -0.35 3.18
N CYS A 127 -11.71 -0.11 2.31
CA CYS A 127 -11.61 1.18 1.62
C CYS A 127 -12.69 1.31 0.57
N HIS A 128 -12.84 0.27 -0.24
CA HIS A 128 -13.75 0.31 -1.37
C HIS A 128 -15.22 0.23 -0.90
N ARG A 129 -15.44 -0.47 0.21
CA ARG A 129 -16.78 -0.63 0.79
C ARG A 129 -16.76 -0.35 2.29
N ARG A 130 -16.94 0.89 2.72
CA ARG A 130 -16.86 1.17 4.17
C ARG A 130 -17.98 0.37 4.85
N SER A 131 -17.58 -0.51 5.80
CA SER A 131 -18.49 -1.44 6.48
C SER A 131 -19.79 -0.75 6.83
N ASP A 132 -19.63 0.24 7.69
CA ASP A 132 -20.62 1.25 7.96
C ASP A 132 -19.85 2.39 8.60
N GLY A 133 -19.81 3.54 7.93
CA GLY A 133 -20.46 3.72 6.65
C GLY A 133 -20.31 5.14 6.19
N GLY A 134 -19.21 5.41 5.47
CA GLY A 134 -18.88 6.72 4.96
C GLY A 134 -18.35 6.69 3.53
N HIS A 135 -17.50 7.65 3.19
CA HIS A 135 -17.05 7.84 1.81
C HIS A 135 -16.16 6.71 1.32
N THR A 136 -16.31 6.32 0.06
CA THR A 136 -15.45 5.32 -0.56
C THR A 136 -14.05 5.90 -0.67
N VAL A 137 -13.04 5.08 -0.32
CA VAL A 137 -11.64 5.47 -0.47
C VAL A 137 -10.88 4.54 -1.44
N LEU A 138 -10.17 5.12 -2.39
CA LEU A 138 -9.22 4.38 -3.22
C LEU A 138 -7.82 4.60 -2.66
N HIS A 139 -6.98 3.56 -2.64
CA HIS A 139 -5.66 3.73 -2.05
C HIS A 139 -4.78 4.66 -2.90
N ARG A 140 -4.74 4.41 -4.21
CA ARG A 140 -4.12 5.30 -5.19
C ARG A 140 -2.58 5.24 -5.26
N ASP A 141 -1.93 4.51 -4.36
CA ASP A 141 -0.47 4.43 -4.39
C ASP A 141 0.00 3.06 -3.90
N LEU A 142 -0.57 2.00 -4.46
CA LEU A 142 -0.35 0.67 -3.92
C LEU A 142 0.91 0.04 -4.52
N LYS A 143 1.94 -0.08 -3.70
CA LYS A 143 3.21 -0.67 -4.13
C LYS A 143 3.90 -1.29 -2.91
N PRO A 144 4.92 -2.14 -3.12
CA PRO A 144 5.51 -2.82 -1.96
C PRO A 144 5.98 -1.88 -0.84
N ALA A 145 6.45 -0.67 -1.17
CA ALA A 145 6.97 0.25 -0.15
C ALA A 145 5.86 0.84 0.71
N ASN A 146 4.62 0.77 0.25
CA ASN A 146 3.49 1.25 1.04
C ASN A 146 2.84 0.14 1.84
N VAL A 147 3.38 -1.07 1.75
CA VAL A 147 2.78 -2.19 2.48
C VAL A 147 3.73 -2.63 3.57
N PHE A 148 3.34 -2.35 4.80
CA PHE A 148 4.18 -2.62 5.96
C PHE A 148 3.78 -3.92 6.64
N LEU A 149 4.60 -4.36 7.59
CA LEU A 149 4.38 -5.63 8.26
C LEU A 149 4.56 -5.47 9.76
N ASP A 150 3.77 -6.18 10.56
CA ASP A 150 3.99 -6.14 12.00
C ASP A 150 5.00 -7.23 12.39
N GLY A 151 5.10 -7.53 13.69
CA GLY A 151 6.10 -8.47 14.17
C GLY A 151 5.85 -9.91 13.75
N LYS A 152 4.60 -10.23 13.43
CA LYS A 152 4.27 -11.54 12.90
C LYS A 152 4.06 -11.50 11.39
N GLN A 153 4.54 -10.43 10.75
CA GLN A 153 4.43 -10.26 9.30
C GLN A 153 2.99 -10.32 8.83
N ASN A 154 2.09 -9.68 9.57
CA ASN A 154 0.75 -9.43 9.06
C ASN A 154 0.82 -8.16 8.26
N VAL A 155 0.00 -8.05 7.22
CA VAL A 155 -0.01 -6.88 6.37
C VAL A 155 -0.58 -5.64 7.04
N LYS A 156 0.14 -4.53 6.90
CA LYS A 156 -0.37 -3.23 7.33
C LYS A 156 -0.27 -2.26 6.15
N LEU A 157 -1.42 -1.95 5.53
CA LEU A 157 -1.45 -1.07 4.37
C LEU A 157 -1.43 0.38 4.82
N GLY A 158 -0.47 1.15 4.33
CA GLY A 158 -0.32 2.51 4.80
C GLY A 158 -0.10 3.51 3.70
N ASP A 159 0.23 4.74 4.09
CA ASP A 159 0.64 5.79 3.16
C ASP A 159 -0.29 5.89 1.96
N PHE A 160 -1.53 6.28 2.23
CA PHE A 160 -2.50 6.46 1.17
C PHE A 160 -2.12 7.62 0.25
N VAL A 177 11.29 11.21 -10.29
CA VAL A 177 12.10 10.79 -11.42
C VAL A 177 11.96 9.29 -11.69
N GLY A 178 11.42 8.57 -10.71
CA GLY A 178 11.28 7.13 -10.81
C GLY A 178 10.38 6.69 -11.95
N THR A 179 10.43 5.41 -12.28
CA THR A 179 9.59 4.85 -13.32
C THR A 179 8.40 4.14 -12.68
N PRO A 180 7.20 4.36 -13.23
CA PRO A 180 5.96 3.86 -12.63
C PRO A 180 5.58 2.46 -13.12
N TYR A 181 6.31 1.44 -12.68
CA TYR A 181 6.08 0.06 -13.13
C TYR A 181 4.63 -0.35 -13.07
N TYR A 182 3.90 0.17 -12.09
CA TYR A 182 2.53 -0.29 -11.82
C TYR A 182 1.46 0.54 -12.51
N MET A 183 1.86 1.35 -13.48
CA MET A 183 0.94 2.31 -14.08
C MET A 183 -0.20 1.60 -14.85
N SER A 184 -1.45 1.89 -14.46
CA SER A 184 -2.59 1.14 -15.00
C SER A 184 -2.94 1.62 -16.41
N PRO A 185 -3.59 0.75 -17.19
CA PRO A 185 -4.10 1.12 -18.51
C PRO A 185 -5.02 2.34 -18.49
N GLU A 186 -5.80 2.52 -17.43
CA GLU A 186 -6.67 3.69 -17.28
C GLU A 186 -5.86 4.98 -17.30
N GLN A 187 -4.99 5.13 -16.30
CA GLN A 187 -4.10 6.27 -16.18
C GLN A 187 -3.39 6.59 -17.50
N MET A 188 -2.96 5.54 -18.17
CA MET A 188 -2.17 5.65 -19.36
C MET A 188 -3.00 6.08 -20.57
N ASN A 189 -4.32 5.91 -20.45
CA ASN A 189 -5.26 6.25 -21.52
C ASN A 189 -6.12 7.47 -21.19
N ARG A 190 -5.62 8.31 -20.29
CA ARG A 190 -6.40 9.43 -19.76
C ARG A 190 -7.78 9.04 -19.28
N MET A 191 -7.83 7.98 -18.47
CA MET A 191 -9.09 7.56 -17.85
C MET A 191 -8.91 7.72 -16.36
N SER A 192 -10.00 7.96 -15.64
CA SER A 192 -9.91 8.24 -14.22
C SER A 192 -9.54 6.98 -13.43
N TYR A 193 -8.65 7.15 -12.47
CA TYR A 193 -8.30 6.08 -11.52
C TYR A 193 -9.56 5.60 -10.80
N ASN A 194 -9.84 4.30 -10.87
CA ASN A 194 -11.01 3.75 -10.19
C ASN A 194 -10.66 2.57 -9.27
N GLU A 195 -11.68 1.92 -8.69
CA GLU A 195 -11.43 0.76 -7.83
C GLU A 195 -10.60 -0.35 -8.52
N LYS A 196 -10.84 -0.55 -9.81
CA LYS A 196 -10.16 -1.63 -10.52
C LYS A 196 -8.71 -1.23 -10.81
N SER A 197 -8.40 0.06 -10.66
CA SER A 197 -7.01 0.52 -10.77
C SER A 197 -6.25 0.11 -9.50
N ASP A 198 -6.91 0.15 -8.35
CA ASP A 198 -6.31 -0.43 -7.14
C ASP A 198 -6.03 -1.92 -7.40
N ILE A 199 -6.95 -2.60 -8.09
CA ILE A 199 -6.81 -4.05 -8.31
C ILE A 199 -5.61 -4.33 -9.26
N TRP A 200 -5.46 -3.52 -10.30
CA TRP A 200 -4.30 -3.64 -11.19
C TRP A 200 -2.99 -3.52 -10.40
N SER A 201 -2.92 -2.57 -9.48
CA SER A 201 -1.73 -2.37 -8.63
C SER A 201 -1.48 -3.55 -7.70
N LEU A 202 -2.54 -4.08 -7.11
CA LEU A 202 -2.43 -5.29 -6.29
C LEU A 202 -1.90 -6.47 -7.12
N GLY A 203 -2.37 -6.60 -8.35
CA GLY A 203 -1.85 -7.60 -9.27
C GLY A 203 -0.36 -7.43 -9.51
N CYS A 204 0.09 -6.19 -9.74
CA CYS A 204 1.50 -5.91 -9.97
C CYS A 204 2.33 -6.27 -8.75
N LEU A 205 1.81 -5.92 -7.58
CA LEU A 205 2.51 -6.19 -6.32
C LEU A 205 2.63 -7.69 -6.07
N LEU A 206 1.53 -8.43 -6.24
CA LEU A 206 1.57 -9.87 -6.00
C LEU A 206 2.44 -10.60 -7.01
N TYR A 207 2.35 -10.19 -8.27
CA TYR A 207 3.26 -10.70 -9.30
C TYR A 207 4.72 -10.52 -8.87
N GLU A 208 5.06 -9.30 -8.46
CA GLU A 208 6.42 -9.00 -8.06
C GLU A 208 6.84 -9.79 -6.81
N LEU A 209 5.90 -10.01 -5.91
CA LEU A 209 6.17 -10.83 -4.73
C LEU A 209 6.56 -12.27 -5.12
N CYS A 210 5.93 -12.80 -6.18
CA CYS A 210 6.17 -14.17 -6.65
C CYS A 210 7.42 -14.25 -7.52
N ALA A 211 7.54 -13.33 -8.47
CA ALA A 211 8.59 -13.42 -9.48
C ALA A 211 9.90 -12.72 -9.04
N LEU A 212 9.79 -11.89 -8.00
CA LEU A 212 10.89 -11.02 -7.51
C LEU A 212 11.28 -10.02 -8.58
N MET A 213 10.31 -9.70 -9.43
CA MET A 213 10.45 -8.64 -10.42
C MET A 213 9.06 -8.26 -10.90
N PRO A 214 8.87 -7.01 -11.32
CA PRO A 214 7.54 -6.57 -11.77
C PRO A 214 7.17 -7.17 -13.13
N PRO A 215 5.88 -7.18 -13.47
CA PRO A 215 5.44 -7.91 -14.67
C PRO A 215 5.89 -7.24 -15.98
N PHE A 216 6.07 -5.93 -15.93
CA PHE A 216 6.51 -5.18 -17.11
C PHE A 216 7.75 -4.38 -16.73
N THR A 217 8.87 -4.62 -17.42
CA THR A 217 10.09 -3.87 -17.13
C THR A 217 10.56 -3.15 -18.37
N ALA A 218 11.31 -2.07 -18.16
CA ALA A 218 11.73 -1.21 -19.25
C ALA A 218 12.82 -0.22 -18.82
N PHE A 219 13.57 0.25 -19.82
CA PHE A 219 14.61 1.24 -19.62
C PHE A 219 14.04 2.65 -19.75
N SER A 220 13.04 2.80 -20.60
CA SER A 220 12.38 4.08 -20.81
C SER A 220 10.89 3.98 -20.53
N GLN A 221 10.26 5.12 -20.29
CA GLN A 221 8.83 5.15 -20.01
C GLN A 221 8.01 4.80 -21.25
N LYS A 222 8.47 5.23 -22.42
CA LYS A 222 7.73 4.91 -23.63
C LYS A 222 7.85 3.42 -23.97
N GLU A 223 8.98 2.80 -23.63
CA GLU A 223 9.10 1.36 -23.83
C GLU A 223 8.22 0.63 -22.81
N LEU A 224 8.15 1.17 -21.60
CA LEU A 224 7.30 0.61 -20.55
C LEU A 224 5.84 0.70 -20.91
N ALA A 225 5.41 1.85 -21.41
CA ALA A 225 4.02 2.06 -21.83
C ALA A 225 3.66 1.09 -22.94
N GLY A 226 4.63 0.82 -23.81
CA GLY A 226 4.42 -0.12 -24.88
C GLY A 226 4.14 -1.51 -24.35
N LYS A 227 4.89 -1.93 -23.34
CA LYS A 227 4.73 -3.28 -22.80
C LYS A 227 3.40 -3.40 -22.05
N ILE A 228 3.06 -2.36 -21.33
CA ILE A 228 1.84 -2.35 -20.53
C ILE A 228 0.60 -2.38 -21.43
N ARG A 229 0.66 -1.67 -22.55
CA ARG A 229 -0.45 -1.67 -23.48
C ARG A 229 -0.67 -3.02 -24.13
N GLU A 230 0.42 -3.76 -24.38
CA GLU A 230 0.33 -5.08 -24.97
C GLU A 230 -0.22 -6.13 -23.99
N GLY A 231 -0.07 -5.87 -22.69
CA GLY A 231 -0.66 -6.70 -21.65
C GLY A 231 -0.07 -8.09 -21.42
N LYS A 232 1.12 -8.33 -21.98
CA LYS A 232 1.78 -9.64 -21.92
C LYS A 232 2.95 -9.66 -20.93
N PHE A 233 3.14 -10.81 -20.28
CA PHE A 233 4.17 -10.96 -19.25
C PHE A 233 4.45 -12.45 -19.07
N ARG A 234 5.57 -12.78 -18.43
CA ARG A 234 5.91 -14.16 -18.14
C ARG A 234 4.94 -14.75 -17.11
N ARG A 235 4.74 -16.05 -17.14
CA ARG A 235 4.05 -16.73 -16.03
C ARG A 235 4.86 -16.45 -14.77
N ILE A 236 4.21 -16.36 -13.61
CA ILE A 236 4.98 -16.41 -12.37
C ILE A 236 5.68 -17.80 -12.30
N PRO A 237 6.71 -17.93 -11.47
CA PRO A 237 7.52 -19.16 -11.39
C PRO A 237 6.69 -20.42 -11.15
N TYR A 238 7.15 -21.52 -11.74
CA TYR A 238 6.42 -22.78 -11.67
C TYR A 238 6.33 -23.35 -10.27
N ARG A 239 7.12 -22.80 -9.36
CA ARG A 239 6.92 -22.98 -7.92
C ARG A 239 5.46 -22.76 -7.50
N TYR A 240 4.80 -21.83 -8.18
CA TYR A 240 3.46 -21.40 -7.79
C TYR A 240 2.39 -22.10 -8.59
N SER A 241 1.28 -22.41 -7.93
CA SER A 241 0.16 -23.13 -8.52
C SER A 241 -0.46 -22.37 -9.69
N ASP A 242 -1.05 -23.12 -10.61
CA ASP A 242 -1.81 -22.55 -11.71
C ASP A 242 -2.92 -21.64 -11.20
N GLU A 243 -3.52 -22.01 -10.07
CA GLU A 243 -4.59 -21.21 -9.49
C GLU A 243 -4.12 -19.83 -9.03
N LEU A 244 -2.97 -19.75 -8.37
CA LEU A 244 -2.42 -18.45 -7.98
C LEU A 244 -2.03 -17.65 -9.23
N ASN A 245 -1.43 -18.33 -10.21
CA ASN A 245 -1.06 -17.63 -11.43
C ASN A 245 -2.29 -17.01 -12.07
N GLU A 246 -3.39 -17.75 -12.06
CA GLU A 246 -4.64 -17.33 -12.69
C GLU A 246 -5.21 -16.07 -12.07
N ILE A 247 -5.29 -16.01 -10.74
CA ILE A 247 -5.94 -14.87 -10.08
C ILE A 247 -5.08 -13.62 -10.22
N ILE A 248 -3.76 -13.75 -10.13
CA ILE A 248 -2.88 -12.60 -10.39
C ILE A 248 -3.01 -12.14 -11.83
N THR A 249 -3.00 -13.09 -12.76
CA THR A 249 -3.14 -12.75 -14.18
C THR A 249 -4.46 -12.03 -14.42
N ARG A 250 -5.52 -12.46 -13.72
CA ARG A 250 -6.80 -11.76 -13.85
C ARG A 250 -6.77 -10.30 -13.37
N MET A 251 -6.03 -10.00 -12.31
CA MET A 251 -5.87 -8.63 -11.86
C MET A 251 -5.15 -7.76 -12.88
N LEU A 252 -4.40 -8.38 -13.79
CA LEU A 252 -3.58 -7.65 -14.77
C LEU A 252 -4.27 -7.64 -16.13
N ASN A 253 -5.57 -7.90 -16.14
CA ASN A 253 -6.37 -7.77 -17.37
C ASN A 253 -6.27 -6.34 -17.90
N LEU A 254 -6.18 -6.19 -19.21
CA LEU A 254 -6.12 -4.84 -19.78
C LEU A 254 -7.44 -4.11 -19.58
N LYS A 255 -8.55 -4.81 -19.73
CA LYS A 255 -9.86 -4.20 -19.49
C LYS A 255 -10.17 -4.19 -17.98
N ASP A 256 -10.45 -3.01 -17.43
CA ASP A 256 -10.72 -2.91 -16.00
C ASP A 256 -11.93 -3.77 -15.57
N TYR A 257 -12.95 -3.88 -16.42
CA TYR A 257 -14.13 -4.67 -16.06
C TYR A 257 -13.87 -6.19 -16.10
N HIS A 258 -12.72 -6.61 -16.62
CA HIS A 258 -12.33 -8.03 -16.54
C HIS A 258 -11.51 -8.37 -15.27
N ARG A 259 -11.07 -7.36 -14.55
CA ARG A 259 -10.35 -7.58 -13.29
C ARG A 259 -11.37 -7.90 -12.20
N PRO A 260 -10.98 -8.76 -11.24
CA PRO A 260 -11.94 -9.07 -10.16
C PRO A 260 -12.12 -7.93 -9.15
N SER A 261 -13.31 -7.82 -8.57
CA SER A 261 -13.52 -6.97 -7.40
C SER A 261 -12.87 -7.60 -6.18
N VAL A 262 -12.71 -6.84 -5.10
CA VAL A 262 -12.20 -7.44 -3.87
C VAL A 262 -13.06 -8.62 -3.43
N GLU A 263 -14.38 -8.56 -3.65
CA GLU A 263 -15.27 -9.66 -3.27
C GLU A 263 -14.95 -10.93 -4.07
N GLU A 264 -14.72 -10.77 -5.37
CA GLU A 264 -14.37 -11.90 -6.23
C GLU A 264 -13.02 -12.52 -5.88
N ILE A 265 -12.04 -11.69 -5.50
CA ILE A 265 -10.74 -12.21 -5.07
C ILE A 265 -10.93 -13.09 -3.83
N LEU A 266 -11.67 -12.59 -2.85
CA LEU A 266 -11.85 -13.29 -1.58
C LEU A 266 -12.64 -14.58 -1.75
N GLU A 267 -13.49 -14.64 -2.77
CA GLU A 267 -14.19 -15.89 -3.13
C GLU A 267 -13.26 -17.02 -3.62
N ASN A 268 -12.00 -16.71 -3.96
CA ASN A 268 -11.13 -17.73 -4.58
C ASN A 268 -10.90 -18.93 -3.66
N PRO A 269 -10.99 -20.16 -4.22
CA PRO A 269 -10.73 -21.41 -3.46
C PRO A 269 -9.37 -21.45 -2.76
N LEU A 270 -8.37 -20.70 -3.24
CA LEU A 270 -7.06 -20.62 -2.56
C LEU A 270 -7.11 -20.00 -1.16
N ILE A 271 -8.06 -19.11 -0.96
CA ILE A 271 -8.03 -18.28 0.23
C ILE A 271 -8.81 -18.95 1.35
N LEU A 272 -8.12 -19.23 2.45
CA LEU A 272 -8.70 -19.99 3.55
C LEU A 272 -8.67 -19.17 4.85
N GLU A 273 -9.22 -19.71 5.92
CA GLU A 273 -9.31 -18.99 7.18
C GLU A 273 -7.96 -18.58 7.71
N HIS A 274 -6.98 -19.48 7.66
CA HIS A 274 -5.68 -19.21 8.27
C HIS A 274 -4.87 -18.16 7.50
N HIS A 275 -5.28 -17.84 6.28
CA HIS A 275 -4.62 -16.73 5.58
C HIS A 275 -5.01 -15.35 6.11
N HIS A 276 -6.06 -15.25 6.92
CA HIS A 276 -6.54 -13.93 7.36
C HIS A 276 -5.70 -13.33 8.48
N HIS A 277 -4.87 -14.14 9.12
CA HIS A 277 -4.07 -13.65 10.24
C HIS A 277 -3.00 -14.66 10.64
N HIS A 278 -1.78 -14.19 10.82
CA HIS A 278 -0.69 -15.05 11.26
C HIS A 278 -0.57 -15.00 12.77
O01 NU6 B . 13.40 1.50 7.70
C02 NU6 B . 12.31 0.98 7.52
N03 NU6 B . 11.71 0.96 6.23
C04 NU6 B . 11.60 0.36 8.70
C05 NU6 B . 12.21 -0.67 9.42
C06 NU6 B . 11.54 -1.24 10.50
C07 NU6 B . 10.28 -0.78 10.84
C08 NU6 B . 9.66 0.24 10.12
N09 NU6 B . 8.36 0.67 10.53
C10 NU6 B . 7.49 1.59 9.87
N11 NU6 B . 6.27 1.71 10.36
C12 NU6 B . 5.36 2.58 9.81
N13 NU6 B . 4.05 2.88 10.12
C14 NU6 B . 3.61 3.82 9.25
N15 NU6 B . 4.61 4.12 8.40
C16 NU6 B . 5.70 3.35 8.73
C17 NU6 B . 7.04 3.21 8.25
O18 NU6 B . 7.41 3.98 7.14
C19 NU6 B . 8.78 4.32 7.02
C20 NU6 B . 9.04 4.21 5.53
C21 NU6 B . 7.90 4.88 4.79
C22 NU6 B . 8.09 6.35 4.53
C23 NU6 B . 9.46 6.63 3.91
C24 NU6 B . 10.55 6.16 4.84
C25 NU6 B . 10.44 4.69 5.16
N26 NU6 B . 7.87 2.33 8.83
C27 NU6 B . 10.34 0.81 9.05
#